data_8IT5
#
_entry.id   8IT5
#
_cell.length_a   82.377
_cell.length_b   85.362
_cell.length_c   102.577
_cell.angle_alpha   90.00
_cell.angle_beta   90.00
_cell.angle_gamma   90.00
#
_symmetry.space_group_name_H-M   'P 21 21 21'
#
loop_
_entity.id
_entity.type
_entity.pdbx_description
1 polymer 'Phosphoglycerate mutase 1'
2 non-polymer 'CHLORIDE ION'
3 non-polymer '2-(N-MORPHOLINO)-ETHANESULFONIC ACID'
4 non-polymer '5-(4-chlorophenyl)-3-[(4-phenylphenyl)sulfonylamino]thiophene-2-carboxylic acid'
5 water water
#
_entity_poly.entity_id   1
_entity_poly.type   'polypeptide(L)'
_entity_poly.pdbx_seq_one_letter_code
;MAAYKLVLIRHGESAWNLENRFSGWYDADLSPAGHEEAKRGGQALRDAGYEFDICFTSVQKRAIRTLWTVLDAIDQMWLP
VVRTWRLNERHYGGLTGLNKAETAAKHGEAQVKIWRRSYDVPPPPMEPDHPFYSNISKDRRYADLTEDQLPSCESLKDTI
ARALPFWNEEIVPQIKEGKRVLIAAHGNSLRGIVKHLEGLSEEAIMELNLPTGIPIVYELDKNLKPIKPMQFLGDEETVR
KAMEAVAAQGKAKKLEHHHHHH
;
_entity_poly.pdbx_strand_id   B,C
#
# COMPACT_ATOMS: atom_id res chain seq x y z
N ALA A 3 -21.76 -3.30 17.74
CA ALA A 3 -20.66 -2.67 18.46
C ALA A 3 -19.43 -2.57 17.56
N TYR A 4 -19.41 -1.59 16.66
CA TYR A 4 -18.31 -1.46 15.71
C TYR A 4 -17.01 -1.11 16.41
N LYS A 5 -15.91 -1.60 15.84
CA LYS A 5 -14.55 -1.31 16.31
C LYS A 5 -13.84 -0.44 15.27
N LEU A 6 -13.27 0.68 15.75
CA LEU A 6 -12.50 1.58 14.92
C LEU A 6 -11.16 1.82 15.58
N VAL A 7 -10.07 1.73 14.83
CA VAL A 7 -8.73 1.93 15.35
C VAL A 7 -8.06 3.07 14.60
N LEU A 8 -7.52 4.03 15.33
CA LEU A 8 -6.73 5.10 14.79
C LEU A 8 -5.31 4.92 15.25
N ILE A 9 -4.35 5.40 14.45
CA ILE A 9 -2.98 5.46 14.93
C ILE A 9 -2.34 6.72 14.33
N ARG A 10 -1.69 7.48 15.20
CA ARG A 10 -0.97 8.66 14.80
C ARG A 10 0.49 8.29 14.64
N HIS A 11 1.13 8.75 13.56
CA HIS A 11 2.52 8.44 13.33
C HIS A 11 3.41 9.14 14.37
N GLY A 12 4.60 8.60 14.56
CA GLY A 12 5.55 9.17 15.46
C GLY A 12 6.54 10.08 14.78
N GLU A 13 7.76 10.10 15.32
CA GLU A 13 8.76 11.12 15.02
C GLU A 13 9.21 11.10 13.56
N SER A 14 9.35 12.28 12.99
CA SER A 14 9.83 12.41 11.62
C SER A 14 11.26 12.92 11.62
N ALA A 15 11.88 12.84 10.45
CA ALA A 15 13.29 13.15 10.31
C ALA A 15 13.56 14.62 10.60
N TRP A 16 14.82 14.88 10.97
CA TRP A 16 15.33 16.23 11.16
C TRP A 16 14.51 17.05 12.16
N ASN A 17 13.94 16.39 13.18
CA ASN A 17 13.14 17.07 14.20
C ASN A 17 11.94 17.81 13.60
N LEU A 18 11.44 17.35 12.44
CA LEU A 18 10.48 18.19 11.74
C LEU A 18 9.11 18.22 12.42
N GLU A 19 8.81 17.27 13.32
CA GLU A 19 7.55 17.37 14.06
C GLU A 19 7.58 18.51 15.06
N ASN A 20 8.76 19.01 15.44
CA ASN A 20 8.84 20.25 16.21
C ASN A 20 9.11 21.43 15.33
N ARG A 21 8.85 21.30 14.02
CA ARG A 21 9.16 22.35 13.08
C ARG A 21 8.01 22.53 12.09
N PHE A 22 6.78 22.32 12.54
CA PHE A 22 5.59 22.54 11.72
C PHE A 22 5.66 21.79 10.40
N SER A 23 5.98 20.50 10.46
CA SER A 23 6.22 19.74 9.22
C SER A 23 5.06 19.90 8.23
N GLY A 24 3.82 19.92 8.72
CA GLY A 24 2.67 20.15 7.87
C GLY A 24 2.63 19.33 6.59
N TRP A 25 2.56 20.00 5.45
CA TRP A 25 2.44 19.32 4.17
C TRP A 25 3.79 18.96 3.56
N TYR A 26 4.90 19.33 4.20
CA TYR A 26 6.18 18.80 3.74
C TYR A 26 6.24 17.31 4.04
N ASP A 27 6.66 16.53 3.04
CA ASP A 27 6.58 15.07 3.05
C ASP A 27 7.77 14.45 3.78
N ALA A 28 7.90 14.81 5.05
CA ALA A 28 8.99 14.27 5.86
C ALA A 28 8.79 12.78 6.11
N ASP A 29 9.88 12.01 6.00
CA ASP A 29 9.86 10.60 6.34
C ASP A 29 9.99 10.43 7.86
N LEU A 30 9.61 9.25 8.34
CA LEU A 30 9.85 8.90 9.73
C LEU A 30 11.34 8.85 10.01
N SER A 31 11.71 9.22 11.23
CA SER A 31 13.04 8.89 11.75
C SER A 31 13.09 7.41 12.13
N PRO A 32 14.28 6.85 12.36
CA PRO A 32 14.32 5.46 12.87
C PRO A 32 13.53 5.29 14.15
N ALA A 33 13.62 6.25 15.08
CA ALA A 33 12.80 6.18 16.28
C ALA A 33 11.30 6.15 15.96
N GLY A 34 10.82 7.03 15.07
CA GLY A 34 9.40 7.00 14.68
C GLY A 34 8.99 5.69 14.03
N HIS A 35 9.90 5.10 13.27
CA HIS A 35 9.63 3.78 12.71
C HIS A 35 9.49 2.74 13.83
N GLU A 36 10.43 2.74 14.78
CA GLU A 36 10.36 1.83 15.93
C GLU A 36 9.05 1.97 16.68
N GLU A 37 8.58 3.21 16.81
CA GLU A 37 7.29 3.47 17.44
C GLU A 37 6.17 2.78 16.68
N ALA A 38 6.17 2.92 15.36
CA ALA A 38 5.13 2.24 14.59
C ALA A 38 5.22 0.72 14.76
N LYS A 39 6.44 0.18 14.86
CA LYS A 39 6.60 -1.25 15.10
C LYS A 39 5.95 -1.66 16.42
N ARG A 40 6.22 -0.89 17.48
CA ARG A 40 5.63 -1.19 18.79
C ARG A 40 4.10 -1.15 18.72
N GLY A 41 3.54 -0.16 18.03
CA GLY A 41 2.10 -0.13 17.87
C GLY A 41 1.58 -1.37 17.13
N GLY A 42 2.30 -1.78 16.09
CA GLY A 42 1.86 -2.96 15.36
C GLY A 42 1.94 -4.21 16.23
N GLN A 43 3.05 -4.35 16.96
CA GLN A 43 3.22 -5.31 18.04
C GLN A 43 1.97 -5.41 18.91
N ALA A 44 1.59 -4.26 19.47
CA ALA A 44 0.45 -4.23 20.37
C ALA A 44 -0.80 -4.74 19.69
N LEU A 45 -1.03 -4.31 18.45
CA LEU A 45 -2.23 -4.75 17.75
C LEU A 45 -2.17 -6.25 17.47
N ARG A 46 -0.99 -6.80 17.21
CA ARG A 46 -0.95 -8.22 16.88
C ARG A 46 -1.13 -9.06 18.13
N ASP A 47 -0.48 -8.66 19.22
CA ASP A 47 -0.71 -9.29 20.52
C ASP A 47 -2.20 -9.36 20.84
N ALA A 48 -2.92 -8.25 20.59
CA ALA A 48 -4.35 -8.22 20.88
C ALA A 48 -5.18 -8.99 19.86
N GLY A 49 -4.58 -9.47 18.78
CA GLY A 49 -5.31 -10.24 17.79
C GLY A 49 -6.24 -9.43 16.93
N TYR A 50 -5.94 -8.16 16.71
CA TYR A 50 -6.82 -7.31 15.94
C TYR A 50 -6.82 -7.70 14.47
N GLU A 51 -7.99 -7.63 13.85
CA GLU A 51 -8.13 -7.90 12.43
C GLU A 51 -8.85 -6.72 11.79
N PHE A 52 -8.34 -6.30 10.63
CA PHE A 52 -8.96 -5.19 9.92
C PHE A 52 -9.44 -5.65 8.56
N ASP A 53 -10.32 -4.87 7.97
CA ASP A 53 -10.79 -5.16 6.63
C ASP A 53 -10.41 -4.11 5.60
N ILE A 54 -10.14 -2.87 6.01
CA ILE A 54 -9.77 -1.79 5.09
C ILE A 54 -8.98 -0.74 5.87
N CYS A 55 -8.04 -0.09 5.19
CA CYS A 55 -7.18 0.89 5.84
C CYS A 55 -7.26 2.21 5.07
N PHE A 56 -7.20 3.31 5.83
CA PHE A 56 -7.20 4.65 5.28
C PHE A 56 -6.00 5.39 5.84
N THR A 57 -5.36 6.17 4.98
CA THR A 57 -4.19 6.94 5.37
C THR A 57 -4.12 8.19 4.50
N SER A 58 -3.11 9.02 4.75
CA SER A 58 -2.95 10.26 3.98
C SER A 58 -2.12 9.97 2.73
N VAL A 59 -1.66 11.01 2.04
CA VAL A 59 -0.69 10.84 0.98
C VAL A 59 0.73 11.20 1.45
N GLN A 60 0.94 11.28 2.75
CA GLN A 60 2.23 11.71 3.30
C GLN A 60 2.97 10.48 3.80
N LYS A 61 4.24 10.39 3.46
CA LYS A 61 4.93 9.12 3.63
C LYS A 61 5.16 8.74 5.09
N ARG A 62 5.20 9.71 6.03
CA ARG A 62 5.37 9.29 7.43
C ARG A 62 4.13 8.53 7.93
N ALA A 63 2.94 8.93 7.48
CA ALA A 63 1.74 8.17 7.82
C ALA A 63 1.69 6.84 7.07
N ILE A 64 1.98 6.88 5.77
CA ILE A 64 1.94 5.68 4.95
C ILE A 64 2.90 4.62 5.49
N ARG A 65 4.14 5.03 5.77
CA ARG A 65 5.12 4.09 6.31
C ARG A 65 4.68 3.55 7.67
N THR A 66 4.02 4.40 8.48
CA THR A 66 3.47 3.90 9.75
C THR A 66 2.45 2.78 9.50
N LEU A 67 1.51 3.02 8.58
CA LEU A 67 0.55 1.98 8.23
C LEU A 67 1.24 0.72 7.72
N TRP A 68 2.25 0.89 6.84
CA TRP A 68 2.97 -0.27 6.30
C TRP A 68 3.59 -1.09 7.42
N THR A 69 4.16 -0.41 8.41
CA THR A 69 4.82 -1.09 9.52
C THR A 69 3.81 -1.85 10.36
N VAL A 70 2.65 -1.24 10.59
CA VAL A 70 1.61 -1.94 11.33
C VAL A 70 1.12 -3.16 10.55
N LEU A 71 0.87 -2.99 9.26
CA LEU A 71 0.36 -4.09 8.46
C LEU A 71 1.35 -5.24 8.44
N ASP A 72 2.64 -4.92 8.32
CA ASP A 72 3.66 -5.94 8.39
C ASP A 72 3.60 -6.68 9.73
N ALA A 73 3.53 -5.91 10.83
CA ALA A 73 3.58 -6.53 12.17
C ALA A 73 2.37 -7.40 12.46
N ILE A 74 1.20 -7.07 11.90
CA ILE A 74 -0.01 -7.85 12.15
C ILE A 74 -0.30 -8.85 11.03
N ASP A 75 0.63 -9.03 10.09
CA ASP A 75 0.49 -9.97 8.96
C ASP A 75 -0.77 -9.69 8.14
N GLN A 76 -1.02 -8.42 7.84
CA GLN A 76 -2.18 -8.10 7.04
C GLN A 76 -1.82 -7.15 5.91
N MET A 77 -0.66 -7.38 5.30
CA MET A 77 -0.24 -6.55 4.17
C MET A 77 -1.16 -6.70 2.96
N TRP A 78 -2.01 -7.74 2.93
CA TRP A 78 -2.94 -7.94 1.82
C TRP A 78 -4.17 -7.05 1.89
N LEU A 79 -4.35 -6.29 2.96
CA LEU A 79 -5.57 -5.50 3.13
C LEU A 79 -5.64 -4.39 2.09
N PRO A 80 -6.84 -4.01 1.68
CA PRO A 80 -6.97 -2.82 0.82
C PRO A 80 -6.60 -1.57 1.59
N VAL A 81 -5.93 -0.64 0.89
CA VAL A 81 -5.46 0.61 1.46
C VAL A 81 -5.96 1.77 0.59
N VAL A 82 -6.61 2.74 1.21
CA VAL A 82 -7.04 3.97 0.52
C VAL A 82 -6.24 5.15 1.09
N ARG A 83 -5.59 5.90 0.19
CA ARG A 83 -4.84 7.11 0.52
C ARG A 83 -5.64 8.34 0.08
N THR A 84 -5.62 9.40 0.91
CA THR A 84 -6.30 10.64 0.54
C THR A 84 -5.58 11.85 1.14
N TRP A 85 -5.45 12.90 0.34
CA TRP A 85 -4.89 14.16 0.85
C TRP A 85 -5.74 14.74 1.97
N ARG A 86 -7.04 14.41 2.00
CA ARG A 86 -7.93 14.96 3.00
C ARG A 86 -7.55 14.53 4.41
N LEU A 87 -6.69 13.53 4.55
CA LEU A 87 -6.19 13.12 5.86
C LEU A 87 -4.81 13.69 6.13
N ASN A 88 -4.32 14.55 5.25
CA ASN A 88 -3.01 15.15 5.48
C ASN A 88 -2.99 15.91 6.80
N GLU A 89 -1.79 16.01 7.36
CA GLU A 89 -1.49 16.93 8.44
C GLU A 89 -1.98 18.33 8.10
N ARG A 90 -2.23 19.14 9.12
CA ARG A 90 -2.57 20.55 8.93
C ARG A 90 -1.48 21.24 8.12
N HIS A 91 -1.89 22.12 7.20
CA HIS A 91 -0.93 22.91 6.42
C HIS A 91 -0.61 24.18 7.20
N TYR A 92 0.65 24.32 7.62
CA TYR A 92 1.09 25.40 8.50
C TYR A 92 1.61 26.61 7.73
N GLY A 93 1.47 26.61 6.40
CA GLY A 93 1.74 27.80 5.62
C GLY A 93 3.19 28.24 5.75
N GLY A 94 3.40 29.54 5.96
CA GLY A 94 4.73 30.07 6.02
C GLY A 94 5.56 29.57 7.18
N LEU A 95 4.93 29.02 8.22
CA LEU A 95 5.68 28.50 9.37
C LEU A 95 6.34 27.16 9.06
N THR A 96 5.90 26.46 8.02
CA THR A 96 6.35 25.11 7.72
C THR A 96 7.87 25.05 7.67
N GLY A 97 8.46 24.13 8.43
CA GLY A 97 9.89 23.97 8.49
C GLY A 97 10.63 24.81 9.54
N LEU A 98 9.99 25.83 10.12
CA LEU A 98 10.65 26.66 11.14
C LEU A 98 10.50 26.04 12.53
N ASN A 99 11.57 26.12 13.33
CA ASN A 99 11.48 25.75 14.73
C ASN A 99 10.77 26.87 15.52
N LYS A 100 10.57 26.63 16.82
CA LYS A 100 9.80 27.55 17.65
C LYS A 100 10.52 28.89 17.80
N ALA A 101 11.85 28.87 17.97
CA ALA A 101 12.60 30.12 18.11
C ALA A 101 12.55 30.95 16.84
N GLU A 102 12.67 30.31 15.68
CA GLU A 102 12.65 31.05 14.42
C GLU A 102 11.26 31.62 14.16
N THR A 103 10.23 30.86 14.53
CA THR A 103 8.87 31.36 14.39
C THR A 103 8.69 32.63 15.23
N ALA A 104 9.10 32.58 16.50
CA ALA A 104 8.99 33.76 17.36
C ALA A 104 9.80 34.92 16.81
N ALA A 105 11.05 34.67 16.42
CA ALA A 105 11.90 35.73 15.88
C ALA A 105 11.27 36.38 14.65
N LYS A 106 10.61 35.58 13.82
CA LYS A 106 10.12 36.13 12.56
C LYS A 106 8.81 36.89 12.76
N HIS A 107 7.92 36.40 13.62
CA HIS A 107 6.58 36.98 13.72
C HIS A 107 6.26 37.57 15.09
N GLY A 108 7.04 37.30 16.12
CA GLY A 108 6.77 37.88 17.43
C GLY A 108 5.93 36.97 18.30
N GLU A 109 6.15 37.10 19.62
CA GLU A 109 5.50 36.22 20.59
C GLU A 109 3.98 36.40 20.62
N ALA A 110 3.50 37.64 20.48
CA ALA A 110 2.07 37.89 20.59
C ALA A 110 1.30 37.23 19.45
N GLN A 111 1.75 37.45 18.22
CA GLN A 111 1.10 36.82 17.07
C GLN A 111 1.17 35.31 17.15
N VAL A 112 2.33 34.77 17.55
CA VAL A 112 2.46 33.31 17.66
C VAL A 112 1.51 32.74 18.71
N LYS A 113 1.36 33.42 19.85
CA LYS A 113 0.39 32.97 20.83
C LYS A 113 -1.02 32.99 20.24
N ILE A 114 -1.33 34.01 19.45
CA ILE A 114 -2.66 34.08 18.84
C ILE A 114 -2.88 32.89 17.90
N TRP A 115 -1.87 32.55 17.08
CA TRP A 115 -2.02 31.39 16.19
C TRP A 115 -2.15 30.10 16.98
N ARG A 116 -1.34 29.96 18.05
CA ARG A 116 -1.35 28.77 18.89
C ARG A 116 -2.72 28.52 19.51
N ARG A 117 -3.42 29.59 19.92
CA ARG A 117 -4.66 29.42 20.66
C ARG A 117 -5.93 29.56 19.82
N SER A 118 -5.81 30.01 18.57
CA SER A 118 -7.00 30.28 17.77
C SER A 118 -7.41 29.06 16.94
N TYR A 119 -8.71 28.84 16.83
CA TYR A 119 -9.28 27.76 16.04
C TYR A 119 -9.47 28.14 14.59
N ASP A 120 -9.62 29.42 14.29
CA ASP A 120 -9.98 29.82 12.94
C ASP A 120 -9.06 30.87 12.34
N VAL A 121 -7.93 31.18 12.94
CA VAL A 121 -6.98 32.14 12.35
C VAL A 121 -5.84 31.33 11.75
N PRO A 122 -5.68 31.31 10.43
CA PRO A 122 -4.59 30.54 9.82
C PRO A 122 -3.26 31.25 10.01
N PRO A 123 -2.15 30.54 9.82
CA PRO A 123 -0.85 31.21 9.75
C PRO A 123 -0.73 31.93 8.42
N PRO A 124 0.34 32.69 8.20
CA PRO A 124 0.51 33.34 6.90
C PRO A 124 0.69 32.30 5.82
N PRO A 125 0.38 32.63 4.58
CA PRO A 125 0.46 31.63 3.51
C PRO A 125 1.91 31.32 3.16
N MET A 126 2.13 30.11 2.67
CA MET A 126 3.44 29.78 2.12
C MET A 126 3.58 30.50 0.78
N GLU A 127 4.50 31.46 0.70
CA GLU A 127 4.74 32.29 -0.48
C GLU A 127 5.83 31.69 -1.35
N PRO A 128 5.98 32.17 -2.59
CA PRO A 128 7.02 31.60 -3.46
C PRO A 128 8.43 31.67 -2.91
N ASP A 129 8.72 32.61 -1.99
CA ASP A 129 10.07 32.62 -1.44
C ASP A 129 10.30 31.49 -0.44
N HIS A 130 9.26 30.79 -0.03
CA HIS A 130 9.45 29.75 0.97
C HIS A 130 10.18 28.57 0.34
N PRO A 131 11.13 27.97 1.06
CA PRO A 131 11.91 26.87 0.46
C PRO A 131 11.07 25.63 0.13
N PHE A 132 9.84 25.53 0.63
CA PHE A 132 8.98 24.39 0.34
C PHE A 132 7.89 24.73 -0.67
N TYR A 133 7.85 25.96 -1.18
CA TYR A 133 6.68 26.41 -1.94
C TYR A 133 6.44 25.54 -3.17
N SER A 134 7.45 25.40 -4.04
CA SER A 134 7.27 24.61 -5.25
C SER A 134 7.27 23.12 -4.94
N ASN A 135 8.09 22.70 -3.97
CA ASN A 135 8.13 21.32 -3.52
C ASN A 135 6.75 20.80 -3.13
N ILE A 136 5.97 21.61 -2.42
CA ILE A 136 4.63 21.17 -2.02
C ILE A 136 3.58 21.53 -3.06
N SER A 137 3.53 22.79 -3.50
CA SER A 137 2.37 23.23 -4.28
C SER A 137 2.42 22.69 -5.70
N LYS A 138 3.60 22.38 -6.22
CA LYS A 138 3.70 21.80 -7.55
C LYS A 138 3.87 20.28 -7.50
N ASP A 139 3.70 19.66 -6.33
CA ASP A 139 3.85 18.22 -6.22
C ASP A 139 2.73 17.51 -6.98
N ARG A 140 3.14 16.49 -7.74
CA ARG A 140 2.25 15.79 -8.66
C ARG A 140 1.03 15.21 -7.97
N ARG A 141 1.17 14.80 -6.70
CA ARG A 141 0.05 14.14 -6.03
C ARG A 141 -1.10 15.09 -5.75
N TYR A 142 -0.92 16.40 -5.93
CA TYR A 142 -1.99 17.35 -5.70
C TYR A 142 -2.50 17.93 -7.01
N ALA A 143 -2.06 17.38 -8.15
CA ALA A 143 -2.35 18.02 -9.43
C ALA A 143 -3.86 18.09 -9.72
N ASP A 144 -4.63 17.14 -9.19
CA ASP A 144 -6.08 17.10 -9.41
C ASP A 144 -6.86 18.00 -8.48
N LEU A 145 -6.22 18.65 -7.51
CA LEU A 145 -6.95 19.51 -6.59
C LEU A 145 -7.34 20.82 -7.27
N THR A 146 -8.56 21.27 -7.03
CA THR A 146 -8.97 22.58 -7.54
C THR A 146 -8.21 23.70 -6.82
N GLU A 147 -8.24 24.88 -7.43
CA GLU A 147 -7.57 26.05 -6.88
CA GLU A 147 -7.53 26.00 -6.84
C GLU A 147 -8.01 26.32 -5.44
N ASP A 148 -9.30 26.11 -5.15
CA ASP A 148 -9.77 26.33 -3.80
C ASP A 148 -9.33 25.23 -2.84
N GLN A 149 -9.00 24.05 -3.36
CA GLN A 149 -8.75 22.89 -2.52
C GLN A 149 -7.31 22.83 -2.02
N LEU A 150 -6.35 23.17 -2.85
CA LEU A 150 -4.94 23.16 -2.46
C LEU A 150 -4.65 24.31 -1.51
N PRO A 151 -4.43 24.06 -0.23
CA PRO A 151 -4.21 25.16 0.71
C PRO A 151 -2.83 25.76 0.53
N SER A 152 -2.74 27.06 0.82
CA SER A 152 -1.47 27.70 1.09
C SER A 152 -1.20 27.80 2.59
N CYS A 153 -2.20 27.45 3.41
CA CYS A 153 -2.19 27.56 4.85
C CYS A 153 -3.57 27.14 5.32
N GLU A 154 -3.64 26.69 6.58
CA GLU A 154 -4.89 26.21 7.15
C GLU A 154 -4.99 26.61 8.61
N SER A 155 -6.16 27.09 9.00
CA SER A 155 -6.51 27.04 10.40
C SER A 155 -6.83 25.60 10.78
N LEU A 156 -6.88 25.34 12.09
CA LEU A 156 -7.39 24.04 12.52
C LEU A 156 -8.79 23.79 11.96
N LYS A 157 -9.61 24.84 11.94
CA LYS A 157 -10.94 24.76 11.38
C LYS A 157 -10.91 24.27 9.93
N ASP A 158 -10.04 24.88 9.11
CA ASP A 158 -9.87 24.47 7.72
C ASP A 158 -9.51 22.99 7.62
N THR A 159 -8.55 22.56 8.45
CA THR A 159 -8.09 21.17 8.38
C THR A 159 -9.24 20.22 8.64
N ILE A 160 -9.97 20.46 9.74
CA ILE A 160 -11.09 19.60 10.06
C ILE A 160 -12.16 19.66 8.96
N ALA A 161 -12.37 20.85 8.39
CA ALA A 161 -13.39 21.00 7.35
C ALA A 161 -13.06 20.19 6.11
N ARG A 162 -11.78 20.01 5.78
CA ARG A 162 -11.55 19.19 4.60
C ARG A 162 -11.34 17.71 4.94
N ALA A 163 -11.07 17.38 6.20
CA ALA A 163 -11.02 15.97 6.57
C ALA A 163 -12.43 15.35 6.67
N LEU A 164 -13.40 16.11 7.18
CA LEU A 164 -14.70 15.51 7.47
C LEU A 164 -15.47 15.01 6.25
N PRO A 165 -15.42 15.69 5.11
CA PRO A 165 -16.10 15.13 3.93
C PRO A 165 -15.59 13.75 3.56
N PHE A 166 -14.27 13.49 3.65
CA PHE A 166 -13.77 12.15 3.39
C PHE A 166 -14.29 11.15 4.42
N TRP A 167 -14.28 11.52 5.69
CA TRP A 167 -14.80 10.61 6.71
C TRP A 167 -16.26 10.23 6.42
N ASN A 168 -17.10 11.23 6.16
CA ASN A 168 -18.52 11.00 5.93
C ASN A 168 -18.76 10.20 4.66
N GLU A 169 -18.05 10.51 3.58
CA GLU A 169 -18.35 9.89 2.29
C GLU A 169 -17.63 8.56 2.08
N GLU A 170 -16.47 8.34 2.69
CA GLU A 170 -15.71 7.11 2.44
C GLU A 170 -15.63 6.20 3.64
N ILE A 171 -15.44 6.73 4.86
CA ILE A 171 -15.13 5.83 5.96
C ILE A 171 -16.41 5.33 6.61
N VAL A 172 -17.32 6.27 6.90
CA VAL A 172 -18.61 5.92 7.50
C VAL A 172 -19.30 4.77 6.79
N PRO A 173 -19.48 4.79 5.45
CA PRO A 173 -20.16 3.66 4.81
C PRO A 173 -19.44 2.34 4.99
N GLN A 174 -18.11 2.35 5.09
CA GLN A 174 -17.40 1.12 5.36
C GLN A 174 -17.69 0.65 6.78
N ILE A 175 -17.72 1.56 7.73
CA ILE A 175 -18.01 1.17 9.11
C ILE A 175 -19.42 0.60 9.21
N LYS A 176 -20.37 1.19 8.49
CA LYS A 176 -21.77 0.76 8.55
C LYS A 176 -21.99 -0.58 7.87
N GLU A 177 -21.10 -0.98 6.97
CA GLU A 177 -21.13 -2.33 6.40
C GLU A 177 -20.48 -3.36 7.32
N GLY A 178 -19.95 -2.95 8.46
CA GLY A 178 -19.29 -3.88 9.36
C GLY A 178 -17.83 -4.12 9.08
N LYS A 179 -17.24 -3.40 8.12
CA LYS A 179 -15.81 -3.52 7.88
C LYS A 179 -15.05 -2.92 9.04
N ARG A 180 -14.02 -3.62 9.50
CA ARG A 180 -13.18 -3.14 10.59
C ARG A 180 -12.10 -2.24 10.02
N VAL A 181 -12.12 -0.98 10.42
CA VAL A 181 -11.36 0.07 9.75
C VAL A 181 -10.15 0.41 10.59
N LEU A 182 -8.99 0.50 9.93
CA LEU A 182 -7.80 1.11 10.53
C LEU A 182 -7.49 2.42 9.83
N ILE A 183 -7.14 3.44 10.62
CA ILE A 183 -6.84 4.77 10.09
C ILE A 183 -5.48 5.18 10.64
N ALA A 184 -4.51 5.36 9.74
CA ALA A 184 -3.17 5.82 10.08
C ALA A 184 -3.01 7.24 9.52
N ALA A 185 -2.97 8.23 10.41
CA ALA A 185 -2.87 9.60 9.92
C ALA A 185 -2.10 10.49 10.89
N HIS A 186 -2.48 11.76 10.98
CA HIS A 186 -1.66 12.77 11.64
C HIS A 186 -2.45 13.43 12.77
N GLY A 187 -1.73 14.20 13.59
CA GLY A 187 -2.35 14.78 14.77
C GLY A 187 -3.64 15.52 14.47
N ASN A 188 -3.60 16.46 13.51
CA ASN A 188 -4.74 17.36 13.34
C ASN A 188 -5.86 16.74 12.51
N SER A 189 -5.57 15.88 11.53
CA SER A 189 -6.67 15.21 10.84
C SER A 189 -7.37 14.21 11.77
N LEU A 190 -6.59 13.53 12.62
CA LEU A 190 -7.23 12.65 13.58
C LEU A 190 -8.05 13.46 14.58
N ARG A 191 -7.57 14.65 14.96
CA ARG A 191 -8.40 15.57 15.76
C ARG A 191 -9.74 15.82 15.09
N GLY A 192 -9.74 16.04 13.78
CA GLY A 192 -11.01 16.19 13.09
C GLY A 192 -11.94 15.02 13.33
N ILE A 193 -11.38 13.80 13.16
CA ILE A 193 -12.22 12.61 13.36
C ILE A 193 -12.73 12.55 14.80
N VAL A 194 -11.85 12.82 15.76
CA VAL A 194 -12.25 12.66 17.16
C VAL A 194 -13.27 13.71 17.55
N LYS A 195 -13.08 14.95 17.10
CA LYS A 195 -14.05 15.98 17.39
C LYS A 195 -15.43 15.58 16.88
N HIS A 196 -15.49 15.05 15.65
CA HIS A 196 -16.80 14.65 15.13
C HIS A 196 -17.38 13.49 15.94
N LEU A 197 -16.52 12.54 16.35
CA LEU A 197 -16.99 11.36 17.06
C LEU A 197 -17.58 11.73 18.42
N GLU A 198 -16.82 12.45 19.23
CA GLU A 198 -17.19 12.77 20.61
C GLU A 198 -17.93 14.10 20.73
N GLY A 199 -18.26 14.73 19.60
CA GLY A 199 -18.94 16.03 19.63
C GLY A 199 -18.24 17.07 20.47
N LEU A 200 -16.92 17.16 20.37
CA LEU A 200 -16.18 18.09 21.21
C LEU A 200 -16.35 19.53 20.73
N SER A 201 -16.08 20.45 21.65
CA SER A 201 -16.02 21.87 21.34
C SER A 201 -14.65 22.24 20.76
N GLU A 202 -14.60 23.44 20.17
CA GLU A 202 -13.36 23.96 19.58
C GLU A 202 -12.25 24.01 20.62
N GLU A 203 -12.55 24.53 21.81
CA GLU A 203 -11.55 24.61 22.86
C GLU A 203 -11.08 23.23 23.28
N ALA A 204 -12.03 22.31 23.45
CA ALA A 204 -11.67 20.95 23.84
C ALA A 204 -10.76 20.30 22.79
N ILE A 205 -11.13 20.41 21.51
CA ILE A 205 -10.32 19.76 20.49
C ILE A 205 -8.94 20.40 20.42
N MET A 206 -8.84 21.70 20.69
CA MET A 206 -7.52 22.32 20.70
C MET A 206 -6.70 21.88 21.90
N GLU A 207 -7.34 21.40 22.97
CA GLU A 207 -6.56 20.90 24.11
C GLU A 207 -6.17 19.43 23.98
N LEU A 208 -6.83 18.67 23.12
CA LEU A 208 -6.58 17.23 23.02
C LEU A 208 -5.32 16.95 22.21
N ASN A 209 -4.42 16.13 22.75
CA ASN A 209 -3.15 15.82 22.09
C ASN A 209 -2.95 14.30 22.02
N LEU A 210 -3.35 13.70 20.91
CA LEU A 210 -3.33 12.25 20.77
C LEU A 210 -1.89 11.74 20.83
N PRO A 211 -1.62 10.69 21.60
CA PRO A 211 -0.25 10.14 21.64
C PRO A 211 0.09 9.44 20.33
N THR A 212 1.39 9.37 20.05
CA THR A 212 1.91 8.85 18.79
C THR A 212 2.26 7.38 18.93
N GLY A 213 2.11 6.63 17.84
CA GLY A 213 2.55 5.25 17.79
C GLY A 213 1.78 4.31 18.68
N ILE A 214 0.57 4.67 19.06
CA ILE A 214 -0.22 3.87 19.99
C ILE A 214 -1.58 3.64 19.35
N PRO A 215 -2.04 2.40 19.20
CA PRO A 215 -3.41 2.20 18.70
C PRO A 215 -4.41 2.88 19.64
N ILE A 216 -5.35 3.59 19.03
CA ILE A 216 -6.44 4.24 19.73
C ILE A 216 -7.71 3.54 19.30
N VAL A 217 -8.41 2.91 20.26
CA VAL A 217 -9.53 2.01 19.97
C VAL A 217 -10.84 2.69 20.36
N TYR A 218 -11.79 2.70 19.44
CA TYR A 218 -13.11 3.27 19.63
C TYR A 218 -14.15 2.16 19.44
N GLU A 219 -15.18 2.19 20.26
CA GLU A 219 -16.30 1.26 20.16
C GLU A 219 -17.56 2.08 19.93
N LEU A 220 -18.16 1.90 18.76
CA LEU A 220 -19.26 2.75 18.31
C LEU A 220 -20.57 1.95 18.25
N ASP A 221 -21.67 2.64 18.47
CA ASP A 221 -23.00 2.06 18.37
C ASP A 221 -23.52 2.25 16.94
N LYS A 222 -24.76 1.80 16.70
CA LYS A 222 -25.32 1.79 15.35
C LYS A 222 -25.37 3.19 14.72
N ASN A 223 -25.30 4.24 15.53
CA ASN A 223 -25.26 5.61 15.03
C ASN A 223 -23.85 6.19 15.03
N LEU A 224 -22.83 5.35 15.20
CA LEU A 224 -21.43 5.73 15.17
C LEU A 224 -21.07 6.65 16.32
N LYS A 225 -21.84 6.59 17.39
CA LYS A 225 -21.55 7.33 18.61
C LYS A 225 -20.71 6.45 19.54
N PRO A 226 -19.58 6.94 20.05
CA PRO A 226 -18.79 6.12 20.98
C PRO A 226 -19.60 5.73 22.19
N ILE A 227 -19.52 4.46 22.57
CA ILE A 227 -20.19 3.99 23.77
C ILE A 227 -19.35 4.17 25.03
N LYS A 228 -18.05 4.41 24.89
CA LYS A 228 -17.19 4.58 26.05
C LYS A 228 -15.98 5.41 25.60
N PRO A 229 -15.13 5.84 26.53
CA PRO A 229 -13.98 6.64 26.12
C PRO A 229 -13.02 5.85 25.23
N MET A 230 -12.22 6.59 24.47
CA MET A 230 -11.20 5.95 23.65
C MET A 230 -10.24 5.21 24.56
N GLN A 231 -9.81 4.03 24.16
CA GLN A 231 -8.81 3.27 24.90
C GLN A 231 -7.53 3.13 24.09
N PHE A 232 -6.41 3.00 24.79
CA PHE A 232 -5.10 2.88 24.18
C PHE A 232 -4.59 1.46 24.37
N LEU A 233 -3.82 0.97 23.40
CA LEU A 233 -3.34 -0.41 23.36
C LEU A 233 -1.84 -0.45 23.63
N GLY A 234 -1.43 -1.27 24.63
CA GLY A 234 -0.03 -1.38 24.98
C GLY A 234 0.28 -2.20 26.23
N ASP A 235 0.97 -1.62 27.22
CA ASP A 235 1.29 -2.33 28.46
C ASP A 235 1.04 -1.53 29.74
N ALA B 2 5.58 6.01 -28.17
CA ALA B 2 4.30 5.31 -28.26
C ALA B 2 3.25 5.91 -27.35
N ALA B 3 2.00 5.51 -27.58
CA ALA B 3 0.88 6.08 -26.84
C ALA B 3 0.98 5.82 -25.34
N TYR B 4 1.39 4.61 -24.95
CA TYR B 4 1.29 4.14 -23.56
C TYR B 4 2.56 3.41 -23.14
N LYS B 5 2.78 3.40 -21.82
CA LYS B 5 3.93 2.73 -21.23
C LYS B 5 3.47 1.89 -20.04
N LEU B 6 3.89 0.62 -20.00
CA LEU B 6 3.51 -0.31 -18.94
C LEU B 6 4.76 -0.91 -18.32
N VAL B 7 4.80 -1.04 -16.99
CA VAL B 7 5.95 -1.64 -16.32
C VAL B 7 5.50 -2.81 -15.45
N LEU B 8 6.17 -3.94 -15.62
CA LEU B 8 5.96 -5.15 -14.83
C LEU B 8 7.20 -5.40 -13.98
N ILE B 9 7.00 -6.03 -12.82
CA ILE B 9 8.15 -6.49 -12.03
C ILE B 9 7.75 -7.78 -11.33
N ARG B 10 8.59 -8.79 -11.49
CA ARG B 10 8.44 -10.05 -10.80
C ARG B 10 9.28 -9.99 -9.53
N HIS B 11 8.70 -10.45 -8.43
CA HIS B 11 9.39 -10.42 -7.16
C HIS B 11 10.60 -11.36 -7.18
N GLY B 12 11.56 -11.08 -6.33
CA GLY B 12 12.76 -11.88 -6.21
C GLY B 12 12.61 -13.07 -5.30
N GLU B 13 13.75 -13.53 -4.78
CA GLU B 13 13.83 -14.75 -3.98
C GLU B 13 12.96 -14.68 -2.73
N SER B 14 12.29 -15.78 -2.44
CA SER B 14 11.43 -15.90 -1.26
C SER B 14 12.03 -16.89 -0.28
N ALA B 15 11.49 -16.87 0.94
CA ALA B 15 11.99 -17.74 2.00
C ALA B 15 11.94 -19.21 1.59
N TRP B 16 10.90 -19.61 0.85
CA TRP B 16 10.81 -21.02 0.48
C TRP B 16 11.64 -21.36 -0.75
N ASN B 17 12.00 -20.38 -1.57
CA ASN B 17 12.96 -20.61 -2.65
C ASN B 17 14.24 -21.20 -2.09
N LEU B 18 14.75 -20.61 -1.01
CA LEU B 18 15.92 -21.16 -0.34
C LEU B 18 15.72 -22.59 0.10
N GLU B 19 14.50 -22.97 0.47
CA GLU B 19 14.20 -24.35 0.86
C GLU B 19 13.80 -25.20 -0.34
N ASN B 20 13.91 -24.67 -1.56
CA ASN B 20 13.28 -25.20 -2.78
C ASN B 20 11.96 -25.94 -2.52
N ARG B 21 11.07 -25.30 -1.77
CA ARG B 21 9.71 -25.80 -1.56
C ARG B 21 8.76 -25.06 -2.49
N PHE B 22 7.72 -25.76 -2.96
CA PHE B 22 6.66 -25.11 -3.74
C PHE B 22 5.89 -24.18 -2.82
N SER B 23 5.85 -22.89 -3.16
CA SER B 23 5.02 -21.91 -2.44
C SER B 23 3.61 -21.83 -2.99
N GLY B 24 3.47 -21.45 -4.26
CA GLY B 24 2.14 -21.19 -4.79
C GLY B 24 1.43 -20.12 -3.97
N TRP B 25 0.23 -20.45 -3.51
CA TRP B 25 -0.55 -19.53 -2.71
C TRP B 25 -0.07 -19.43 -1.27
N TYR B 26 0.88 -20.26 -0.84
CA TYR B 26 1.47 -20.04 0.47
C TYR B 26 2.16 -18.68 0.48
N ASP B 27 1.97 -17.93 1.57
CA ASP B 27 2.31 -16.50 1.60
C ASP B 27 3.72 -16.26 2.15
N ALA B 28 4.70 -16.89 1.52
CA ALA B 28 6.08 -16.74 1.93
C ALA B 28 6.60 -15.33 1.68
N ASP B 29 7.38 -14.83 2.62
CA ASP B 29 7.98 -13.50 2.52
C ASP B 29 9.23 -13.53 1.63
N LEU B 30 9.63 -12.35 1.18
CA LEU B 30 10.93 -12.21 0.54
C LEU B 30 12.04 -12.61 1.49
N SER B 31 13.08 -13.23 0.96
CA SER B 31 14.33 -13.39 1.70
C SER B 31 15.08 -12.08 1.67
N PRO B 32 16.16 -11.94 2.46
CA PRO B 32 16.91 -10.67 2.40
C PRO B 32 17.45 -10.36 1.02
N ALA B 33 17.92 -11.39 0.30
CA ALA B 33 18.40 -11.17 -1.06
C ALA B 33 17.25 -10.73 -1.99
N GLY B 34 16.08 -11.36 -1.87
CA GLY B 34 14.96 -10.93 -2.70
C GLY B 34 14.55 -9.48 -2.44
N HIS B 35 14.62 -9.07 -1.17
CA HIS B 35 14.36 -7.68 -0.82
C HIS B 35 15.39 -6.76 -1.47
N GLU B 36 16.66 -7.15 -1.46
CA GLU B 36 17.69 -6.32 -2.08
C GLU B 36 17.48 -6.23 -3.59
N GLU B 37 17.04 -7.34 -4.18
CA GLU B 37 16.69 -7.33 -5.60
C GLU B 37 15.64 -6.28 -5.88
N ALA B 38 14.60 -6.23 -5.04
CA ALA B 38 13.56 -5.25 -5.26
C ALA B 38 14.09 -3.83 -5.09
N LYS B 39 15.01 -3.63 -4.13
CA LYS B 39 15.65 -2.32 -4.00
C LYS B 39 16.39 -1.92 -5.27
N ARG B 40 17.12 -2.86 -5.86
CA ARG B 40 17.89 -2.53 -7.05
C ARG B 40 16.97 -2.25 -8.23
N GLY B 41 15.89 -3.02 -8.36
CA GLY B 41 14.91 -2.70 -9.39
C GLY B 41 14.30 -1.32 -9.19
N GLY B 42 14.02 -0.96 -7.93
CA GLY B 42 13.47 0.35 -7.67
C GLY B 42 14.46 1.44 -7.98
N GLN B 43 15.72 1.23 -7.62
CA GLN B 43 16.76 2.19 -7.97
C GLN B 43 16.86 2.37 -9.48
N ALA B 44 16.72 1.28 -10.23
CA ALA B 44 16.70 1.39 -11.69
C ALA B 44 15.55 2.27 -12.16
N LEU B 45 14.33 2.00 -11.66
CA LEU B 45 13.22 2.85 -12.05
C LEU B 45 13.48 4.31 -11.70
N ARG B 46 14.15 4.54 -10.56
CA ARG B 46 14.43 5.91 -10.12
C ARG B 46 15.44 6.61 -11.03
N ASP B 47 16.54 5.93 -11.38
CA ASP B 47 17.54 6.52 -12.24
C ASP B 47 16.98 6.87 -13.61
N ALA B 48 16.01 6.08 -14.09
CA ALA B 48 15.36 6.41 -15.36
C ALA B 48 14.22 7.42 -15.23
N GLY B 49 13.93 7.92 -14.03
CA GLY B 49 12.90 8.93 -13.88
C GLY B 49 11.48 8.45 -14.13
N TYR B 50 11.18 7.18 -13.86
CA TYR B 50 9.83 6.69 -14.15
C TYR B 50 8.81 7.27 -13.17
N GLU B 51 7.61 7.54 -13.67
CA GLU B 51 6.49 8.00 -12.88
C GLU B 51 5.28 7.12 -13.16
N PHE B 52 4.55 6.80 -12.10
CA PHE B 52 3.35 5.98 -12.22
C PHE B 52 2.15 6.73 -11.65
N ASP B 53 0.96 6.25 -12.00
CA ASP B 53 -0.29 6.80 -11.50
C ASP B 53 -1.11 5.81 -10.70
N ILE B 54 -0.94 4.51 -10.91
CA ILE B 54 -1.67 3.49 -10.17
C ILE B 54 -0.87 2.20 -10.20
N CYS B 55 -0.96 1.41 -9.13
CA CYS B 55 -0.22 0.16 -9.01
C CYS B 55 -1.16 -1.00 -8.74
N PHE B 56 -0.86 -2.15 -9.32
CA PHE B 56 -1.58 -3.39 -9.07
C PHE B 56 -0.61 -4.43 -8.55
N THR B 57 -1.06 -5.21 -7.58
CA THR B 57 -0.27 -6.34 -7.11
C THR B 57 -1.22 -7.43 -6.65
N SER B 58 -0.66 -8.47 -6.07
CA SER B 58 -1.43 -9.64 -5.67
C SER B 58 -1.85 -9.47 -4.22
N VAL B 59 -2.30 -10.54 -3.55
CA VAL B 59 -2.50 -10.48 -2.11
C VAL B 59 -1.42 -11.26 -1.38
N GLN B 60 -0.29 -11.47 -2.04
CA GLN B 60 0.81 -12.22 -1.47
C GLN B 60 1.93 -11.26 -1.11
N LYS B 61 2.47 -11.42 0.09
CA LYS B 61 3.39 -10.42 0.61
C LYS B 61 4.72 -10.37 -0.14
N ARG B 62 5.17 -11.43 -0.82
CA ARG B 62 6.43 -11.29 -1.53
C ARG B 62 6.29 -10.29 -2.69
N ALA B 63 5.12 -10.25 -3.32
CA ALA B 63 4.85 -9.25 -4.35
C ALA B 63 4.56 -7.88 -3.74
N ILE B 64 3.73 -7.83 -2.69
CA ILE B 64 3.39 -6.55 -2.07
C ILE B 64 4.65 -5.86 -1.54
N ARG B 65 5.51 -6.60 -0.87
CA ARG B 65 6.75 -6.03 -0.36
C ARG B 65 7.65 -5.59 -1.52
N THR B 66 7.65 -6.33 -2.63
CA THR B 66 8.39 -5.85 -3.79
C THR B 66 7.86 -4.48 -4.24
N LEU B 67 6.54 -4.35 -4.33
CA LEU B 67 5.93 -3.09 -4.73
C LEU B 67 6.28 -1.99 -3.73
N TRP B 68 6.18 -2.27 -2.44
CA TRP B 68 6.50 -1.27 -1.42
C TRP B 68 7.93 -0.78 -1.56
N THR B 69 8.86 -1.72 -1.76
CA THR B 69 10.26 -1.36 -1.88
C THR B 69 10.47 -0.47 -3.11
N VAL B 70 9.83 -0.82 -4.22
CA VAL B 70 9.95 0.00 -5.41
C VAL B 70 9.36 1.40 -5.16
N LEU B 71 8.19 1.48 -4.53
CA LEU B 71 7.56 2.78 -4.35
C LEU B 71 8.41 3.65 -3.44
N ASP B 72 9.01 3.03 -2.43
CA ASP B 72 9.95 3.75 -1.56
C ASP B 72 11.11 4.30 -2.36
N ALA B 73 11.71 3.48 -3.23
CA ALA B 73 12.89 3.94 -3.95
C ALA B 73 12.57 5.04 -4.94
N ILE B 74 11.38 5.05 -5.53
CA ILE B 74 11.04 6.09 -6.50
C ILE B 74 10.28 7.25 -5.88
N ASP B 75 10.14 7.28 -4.55
CA ASP B 75 9.43 8.33 -3.79
C ASP B 75 8.00 8.52 -4.30
N GLN B 76 7.31 7.40 -4.52
CA GLN B 76 5.93 7.43 -4.94
C GLN B 76 5.08 6.54 -4.03
N MET B 77 5.36 6.59 -2.72
CA MET B 77 4.55 5.85 -1.76
C MET B 77 3.11 6.32 -1.68
N TRP B 78 2.82 7.53 -2.16
CA TRP B 78 1.46 8.05 -2.13
C TRP B 78 0.55 7.50 -3.23
N LEU B 79 1.07 6.70 -4.17
CA LEU B 79 0.23 6.26 -5.29
C LEU B 79 -0.86 5.31 -4.81
N PRO B 80 -2.00 5.32 -5.48
CA PRO B 80 -3.01 4.28 -5.21
C PRO B 80 -2.47 2.91 -5.58
N VAL B 81 -2.82 1.93 -4.76
CA VAL B 81 -2.40 0.54 -4.93
C VAL B 81 -3.65 -0.33 -4.87
N VAL B 82 -3.82 -1.23 -5.84
CA VAL B 82 -4.92 -2.19 -5.84
C VAL B 82 -4.33 -3.61 -5.73
N ARG B 83 -4.79 -4.38 -4.75
CA ARG B 83 -4.39 -5.77 -4.53
C ARG B 83 -5.48 -6.71 -5.03
N THR B 84 -5.10 -7.78 -5.74
CA THR B 84 -6.09 -8.79 -6.15
C THR B 84 -5.51 -10.20 -6.11
N TRP B 85 -6.32 -11.14 -5.59
CA TRP B 85 -5.97 -12.56 -5.66
C TRP B 85 -5.74 -13.01 -7.10
N ARG B 86 -6.35 -12.34 -8.07
CA ARG B 86 -6.21 -12.79 -9.44
C ARG B 86 -4.80 -12.63 -9.99
N LEU B 87 -3.95 -11.87 -9.32
CA LEU B 87 -2.55 -11.78 -9.70
C LEU B 87 -1.66 -12.71 -8.88
N ASN B 88 -2.25 -13.57 -8.05
CA ASN B 88 -1.47 -14.51 -7.24
C ASN B 88 -0.65 -15.43 -8.12
N GLU B 89 0.42 -15.97 -7.52
CA GLU B 89 1.17 -17.06 -8.10
C GLU B 89 0.23 -18.23 -8.40
N ARG B 90 0.65 -19.05 -9.36
CA ARG B 90 -0.04 -20.30 -9.66
C ARG B 90 -0.22 -21.13 -8.39
N HIS B 91 -1.40 -21.70 -8.22
CA HIS B 91 -1.68 -22.58 -7.09
C HIS B 91 -1.15 -23.99 -7.39
N TYR B 92 -0.17 -24.44 -6.60
CA TYR B 92 0.52 -25.71 -6.88
C TYR B 92 -0.14 -26.90 -6.19
N GLY B 93 -1.33 -26.71 -5.63
CA GLY B 93 -2.10 -27.83 -5.15
C GLY B 93 -1.39 -28.62 -4.07
N GLY B 94 -1.50 -29.94 -4.15
CA GLY B 94 -0.91 -30.81 -3.14
C GLY B 94 0.60 -30.76 -3.08
N LEU B 95 1.25 -30.18 -4.10
CA LEU B 95 2.68 -29.98 -4.05
C LEU B 95 3.09 -28.84 -3.11
N THR B 96 2.14 -28.00 -2.69
CA THR B 96 2.44 -26.88 -1.83
C THR B 96 3.11 -27.37 -0.55
N GLY B 97 4.30 -26.82 -0.24
CA GLY B 97 5.06 -27.20 0.93
C GLY B 97 6.10 -28.30 0.71
N LEU B 98 5.98 -29.10 -0.34
CA LEU B 98 6.98 -30.12 -0.62
C LEU B 98 8.21 -29.51 -1.27
N ASN B 99 9.37 -30.08 -0.97
CA ASN B 99 10.57 -29.65 -1.66
C ASN B 99 10.80 -30.52 -2.89
N LYS B 100 11.94 -30.29 -3.55
CA LYS B 100 12.27 -31.00 -4.79
C LYS B 100 12.36 -32.50 -4.54
N ALA B 101 13.04 -32.87 -3.45
CA ALA B 101 13.28 -34.27 -3.14
C ALA B 101 11.97 -34.97 -2.82
N GLU B 102 11.14 -34.36 -1.97
CA GLU B 102 9.86 -34.97 -1.57
C GLU B 102 8.94 -35.14 -2.76
N THR B 103 8.96 -34.17 -3.68
CA THR B 103 8.14 -34.25 -4.88
C THR B 103 8.57 -35.43 -5.74
N ALA B 104 9.87 -35.51 -6.05
CA ALA B 104 10.37 -36.63 -6.83
C ALA B 104 10.11 -37.96 -6.13
N ALA B 105 10.34 -38.01 -4.81
CA ALA B 105 10.15 -39.25 -4.05
C ALA B 105 8.72 -39.73 -4.14
N LYS B 106 7.75 -38.83 -3.96
CA LYS B 106 6.35 -39.22 -3.94
C LYS B 106 5.81 -39.51 -5.33
N HIS B 107 6.25 -38.80 -6.36
CA HIS B 107 5.56 -38.92 -7.63
C HIS B 107 6.37 -39.52 -8.78
N GLY B 108 7.69 -39.69 -8.65
CA GLY B 108 8.45 -40.23 -9.75
C GLY B 108 8.78 -39.19 -10.80
N GLU B 109 9.92 -39.37 -11.48
CA GLU B 109 10.35 -38.34 -12.40
C GLU B 109 9.46 -38.29 -13.63
N ALA B 110 8.81 -39.39 -14.00
CA ALA B 110 7.92 -39.34 -15.15
C ALA B 110 6.73 -38.40 -14.89
N GLN B 111 6.03 -38.63 -13.78
CA GLN B 111 4.91 -37.75 -13.43
C GLN B 111 5.39 -36.31 -13.28
N VAL B 112 6.55 -36.11 -12.65
CA VAL B 112 7.01 -34.73 -12.43
C VAL B 112 7.32 -34.06 -13.77
N LYS B 113 7.97 -34.79 -14.69
CA LYS B 113 8.24 -34.26 -16.02
C LYS B 113 6.95 -33.87 -16.74
N ILE B 114 5.93 -34.71 -16.64
CA ILE B 114 4.64 -34.40 -17.23
C ILE B 114 4.12 -33.06 -16.70
N TRP B 115 4.06 -32.91 -15.37
CA TRP B 115 3.58 -31.64 -14.83
C TRP B 115 4.45 -30.48 -15.29
N ARG B 116 5.76 -30.69 -15.38
CA ARG B 116 6.66 -29.60 -15.72
C ARG B 116 6.38 -29.07 -17.13
N ARG B 117 6.26 -29.96 -18.11
CA ARG B 117 6.16 -29.51 -19.49
C ARG B 117 4.71 -29.31 -19.96
N SER B 118 3.72 -29.59 -19.14
CA SER B 118 2.34 -29.52 -19.59
C SER B 118 1.75 -28.12 -19.35
N TYR B 119 0.87 -27.71 -20.27
CA TYR B 119 0.17 -26.43 -20.17
C TYR B 119 -1.13 -26.52 -19.39
N ASP B 120 -1.80 -27.67 -19.44
CA ASP B 120 -3.17 -27.78 -18.96
C ASP B 120 -3.41 -28.94 -18.01
N VAL B 121 -2.38 -29.67 -17.61
CA VAL B 121 -2.53 -30.74 -16.62
C VAL B 121 -2.21 -30.17 -15.24
N PRO B 122 -3.16 -30.15 -14.32
CA PRO B 122 -2.89 -29.58 -13.00
C PRO B 122 -2.11 -30.55 -12.14
N PRO B 123 -1.48 -30.06 -11.09
CA PRO B 123 -0.95 -30.93 -10.04
C PRO B 123 -2.09 -31.47 -9.21
N PRO B 124 -1.83 -32.43 -8.31
CA PRO B 124 -2.89 -32.95 -7.47
C PRO B 124 -3.59 -31.82 -6.72
N PRO B 125 -4.82 -32.03 -6.30
CA PRO B 125 -5.53 -31.03 -5.52
C PRO B 125 -5.01 -30.96 -4.10
N MET B 126 -5.21 -29.79 -3.48
CA MET B 126 -4.86 -29.59 -2.08
C MET B 126 -6.08 -30.01 -1.25
N GLU B 127 -6.00 -31.18 -0.62
CA GLU B 127 -7.12 -31.81 0.06
C GLU B 127 -7.24 -31.29 1.48
N PRO B 128 -8.35 -31.54 2.16
CA PRO B 128 -8.52 -31.03 3.53
C PRO B 128 -7.51 -31.56 4.53
N ASP B 129 -6.88 -32.70 4.30
CA ASP B 129 -5.84 -33.17 5.21
C ASP B 129 -4.45 -32.67 4.83
N HIS B 130 -4.35 -31.78 3.86
CA HIS B 130 -3.05 -31.21 3.51
C HIS B 130 -2.58 -30.27 4.62
N PRO B 131 -1.29 -30.28 4.96
CA PRO B 131 -0.82 -29.45 6.09
C PRO B 131 -1.05 -27.97 5.91
N PHE B 132 -1.16 -27.44 4.69
CA PHE B 132 -1.42 -26.02 4.49
C PHE B 132 -2.82 -25.76 3.98
N TYR B 133 -3.73 -26.72 4.10
CA TYR B 133 -5.08 -26.54 3.56
C TYR B 133 -5.80 -25.40 4.26
N SER B 134 -5.78 -25.39 5.59
CA SER B 134 -6.48 -24.32 6.28
C SER B 134 -5.71 -23.01 6.17
N ASN B 135 -4.38 -23.07 6.28
CA ASN B 135 -3.54 -21.89 6.08
C ASN B 135 -3.89 -21.13 4.79
N ILE B 136 -4.21 -21.85 3.73
CA ILE B 136 -4.48 -21.15 2.47
C ILE B 136 -5.97 -21.07 2.17
N SER B 137 -6.62 -22.23 2.03
CA SER B 137 -8.01 -22.24 1.59
C SER B 137 -8.95 -21.60 2.59
N LYS B 138 -8.60 -21.56 3.88
CA LYS B 138 -9.46 -20.96 4.87
C LYS B 138 -9.02 -19.55 5.25
N ASP B 139 -8.06 -18.99 4.54
CA ASP B 139 -7.59 -17.65 4.86
C ASP B 139 -8.68 -16.64 4.56
N ARG B 140 -9.02 -15.81 5.54
CA ARG B 140 -10.12 -14.87 5.35
C ARG B 140 -9.89 -13.95 4.16
N ARG B 141 -8.66 -13.80 3.67
CA ARG B 141 -8.47 -12.94 2.51
C ARG B 141 -9.16 -13.48 1.27
N TYR B 142 -9.57 -14.76 1.25
CA TYR B 142 -10.34 -15.30 0.13
C TYR B 142 -11.80 -15.52 0.50
N ALA B 143 -12.28 -14.86 1.56
CA ALA B 143 -13.64 -15.09 2.07
C ALA B 143 -14.71 -14.79 1.02
N ASP B 144 -14.45 -13.81 0.15
CA ASP B 144 -15.42 -13.38 -0.85
C ASP B 144 -15.30 -14.13 -2.19
N LEU B 145 -14.42 -15.11 -2.31
CA LEU B 145 -14.34 -15.90 -3.53
C LEU B 145 -15.47 -16.92 -3.58
N THR B 146 -16.05 -17.11 -4.76
CA THR B 146 -17.04 -18.17 -4.93
C THR B 146 -16.35 -19.54 -4.93
N GLU B 147 -17.16 -20.59 -4.73
CA GLU B 147 -16.60 -21.95 -4.63
C GLU B 147 -15.80 -22.31 -5.86
N ASP B 148 -16.28 -21.92 -7.04
CA ASP B 148 -15.57 -22.20 -8.29
C ASP B 148 -14.39 -21.26 -8.53
N GLN B 149 -14.23 -20.23 -7.70
CA GLN B 149 -13.12 -19.30 -7.87
C GLN B 149 -11.90 -19.70 -7.05
N LEU B 150 -12.14 -20.19 -5.84
CA LEU B 150 -11.08 -20.67 -4.97
C LEU B 150 -10.51 -21.98 -5.51
N PRO B 151 -9.32 -21.98 -6.10
CA PRO B 151 -8.80 -23.22 -6.68
C PRO B 151 -8.26 -24.15 -5.62
N SER B 152 -8.41 -25.44 -5.86
CA SER B 152 -7.65 -26.41 -5.10
C SER B 152 -6.29 -26.70 -5.72
N CYS B 153 -6.11 -26.33 -6.99
CA CYS B 153 -4.90 -26.57 -7.79
C CYS B 153 -5.10 -25.85 -9.11
N GLU B 154 -4.00 -25.58 -9.80
CA GLU B 154 -4.09 -24.87 -11.08
C GLU B 154 -3.06 -25.43 -12.04
N SER B 155 -3.48 -25.59 -13.29
CA SER B 155 -2.51 -25.66 -14.37
C SER B 155 -2.09 -24.25 -14.73
N LEU B 156 -1.06 -24.12 -15.57
CA LEU B 156 -0.73 -22.79 -16.06
C LEU B 156 -1.92 -22.17 -16.78
N LYS B 157 -2.66 -22.99 -17.54
CA LYS B 157 -3.89 -22.54 -18.20
C LYS B 157 -4.87 -21.92 -17.21
N ASP B 158 -5.14 -22.61 -16.10
CA ASP B 158 -6.05 -22.07 -15.09
C ASP B 158 -5.54 -20.73 -14.55
N THR B 159 -4.26 -20.66 -14.24
CA THR B 159 -3.69 -19.43 -13.68
C THR B 159 -3.94 -18.27 -14.62
N ILE B 160 -3.57 -18.45 -15.88
CA ILE B 160 -3.78 -17.40 -16.86
C ILE B 160 -5.26 -17.07 -16.99
N ALA B 161 -6.13 -18.10 -16.96
CA ALA B 161 -7.55 -17.86 -17.18
C ALA B 161 -8.15 -17.04 -16.06
N ARG B 162 -7.59 -17.11 -14.86
CA ARG B 162 -8.15 -16.24 -13.82
C ARG B 162 -7.38 -14.93 -13.68
N ALA B 163 -6.19 -14.83 -14.27
CA ALA B 163 -5.52 -13.53 -14.22
C ALA B 163 -6.06 -12.58 -15.29
N LEU B 164 -6.37 -13.09 -16.47
CA LEU B 164 -6.71 -12.21 -17.57
C LEU B 164 -8.04 -11.45 -17.39
N PRO B 165 -9.03 -11.95 -16.65
CA PRO B 165 -10.20 -11.12 -16.37
C PRO B 165 -9.85 -9.86 -15.62
N PHE B 166 -8.93 -9.96 -14.65
CA PHE B 166 -8.52 -8.74 -13.97
C PHE B 166 -7.84 -7.77 -14.93
N TRP B 167 -6.96 -8.29 -15.79
CA TRP B 167 -6.34 -7.45 -16.80
C TRP B 167 -7.39 -6.70 -17.62
N ASN B 168 -8.27 -7.45 -18.28
CA ASN B 168 -9.26 -6.85 -19.19
C ASN B 168 -10.16 -5.88 -18.45
N GLU B 169 -10.67 -6.25 -17.29
CA GLU B 169 -11.75 -5.52 -16.67
C GLU B 169 -11.28 -4.40 -15.77
N GLU B 170 -10.06 -4.47 -15.23
CA GLU B 170 -9.59 -3.44 -14.31
C GLU B 170 -8.31 -2.75 -14.76
N ILE B 171 -7.39 -3.42 -15.46
CA ILE B 171 -6.16 -2.75 -15.81
C ILE B 171 -6.28 -2.04 -17.14
N VAL B 172 -6.84 -2.72 -18.14
CA VAL B 172 -7.02 -2.11 -19.46
C VAL B 172 -7.74 -0.76 -19.37
N PRO B 173 -8.89 -0.63 -18.70
CA PRO B 173 -9.52 0.70 -18.60
C PRO B 173 -8.60 1.77 -18.06
N GLN B 174 -7.78 1.46 -17.05
CA GLN B 174 -6.89 2.48 -16.51
C GLN B 174 -5.81 2.86 -17.50
N ILE B 175 -5.27 1.90 -18.25
CA ILE B 175 -4.27 2.24 -19.24
C ILE B 175 -4.87 3.15 -20.29
N LYS B 176 -6.09 2.85 -20.74
CA LYS B 176 -6.73 3.66 -21.77
C LYS B 176 -7.21 5.00 -21.23
N GLU B 177 -7.34 5.12 -19.92
CA GLU B 177 -7.58 6.41 -19.28
C GLU B 177 -6.29 7.24 -19.20
N GLY B 178 -5.17 6.71 -19.65
CA GLY B 178 -3.91 7.41 -19.62
C GLY B 178 -3.07 7.22 -18.37
N LYS B 179 -3.48 6.34 -17.46
CA LYS B 179 -2.74 6.16 -16.22
C LYS B 179 -1.51 5.29 -16.47
N ARG B 180 -0.39 5.68 -15.88
CA ARG B 180 0.84 4.92 -16.02
C ARG B 180 0.84 3.79 -14.98
N VAL B 181 0.77 2.55 -15.44
CA VAL B 181 0.54 1.39 -14.57
C VAL B 181 1.87 0.71 -14.23
N LEU B 182 1.99 0.31 -12.97
CA LEU B 182 3.02 -0.61 -12.49
C LEU B 182 2.34 -1.84 -11.93
N ILE B 183 2.76 -3.02 -12.39
CA ILE B 183 2.22 -4.29 -11.88
C ILE B 183 3.39 -5.01 -11.22
N ALA B 184 3.26 -5.31 -9.94
CA ALA B 184 4.26 -6.08 -9.20
C ALA B 184 3.61 -7.41 -8.87
N ALA B 185 4.08 -8.49 -9.51
CA ALA B 185 3.40 -9.75 -9.27
C ALA B 185 4.34 -10.93 -9.41
N HIS B 186 3.84 -12.06 -9.91
CA HIS B 186 4.52 -13.33 -9.84
C HIS B 186 4.77 -13.89 -11.24
N GLY B 187 5.74 -14.79 -11.35
CA GLY B 187 6.08 -15.43 -12.61
C GLY B 187 4.89 -15.85 -13.47
N ASN B 188 3.98 -16.64 -12.93
CA ASN B 188 2.94 -17.19 -13.77
C ASN B 188 1.79 -16.22 -14.06
N SER B 189 1.44 -15.34 -13.11
CA SER B 189 0.42 -14.33 -13.42
C SER B 189 0.94 -13.33 -14.45
N LEU B 190 2.19 -12.89 -14.29
CA LEU B 190 2.77 -12.04 -15.31
C LEU B 190 2.89 -12.78 -16.64
N ARG B 191 3.09 -14.11 -16.62
CA ARG B 191 3.07 -14.88 -17.86
C ARG B 191 1.74 -14.70 -18.56
N GLY B 192 0.65 -14.78 -17.79
CA GLY B 192 -0.66 -14.56 -18.40
C GLY B 192 -0.74 -13.21 -19.09
N ILE B 193 -0.20 -12.18 -18.44
CA ILE B 193 -0.28 -10.85 -19.05
C ILE B 193 0.59 -10.77 -20.30
N VAL B 194 1.81 -11.29 -20.24
CA VAL B 194 2.71 -11.23 -21.39
C VAL B 194 2.16 -12.07 -22.54
N LYS B 195 1.56 -13.22 -22.22
CA LYS B 195 0.97 -14.04 -23.26
C LYS B 195 -0.13 -13.28 -23.97
N HIS B 196 -0.96 -12.53 -23.23
CA HIS B 196 -2.00 -11.75 -23.89
C HIS B 196 -1.41 -10.60 -24.70
N LEU B 197 -0.40 -9.92 -24.16
CA LEU B 197 0.13 -8.75 -24.84
C LEU B 197 0.77 -9.12 -26.16
N GLU B 198 1.53 -10.20 -26.17
CA GLU B 198 2.35 -10.57 -27.33
C GLU B 198 1.72 -11.64 -28.19
N GLY B 199 0.53 -12.13 -27.84
CA GLY B 199 -0.09 -13.21 -28.61
C GLY B 199 0.76 -14.46 -28.72
N LEU B 200 1.43 -14.84 -27.63
CA LEU B 200 2.34 -15.98 -27.65
C LEU B 200 1.59 -17.31 -27.60
N SER B 201 2.22 -18.35 -28.15
CA SER B 201 1.66 -19.68 -28.09
C SER B 201 1.91 -20.31 -26.72
N GLU B 202 1.20 -21.42 -26.46
CA GLU B 202 1.37 -22.15 -25.19
C GLU B 202 2.82 -22.57 -25.00
N GLU B 203 3.44 -23.16 -26.03
CA GLU B 203 4.84 -23.54 -25.94
C GLU B 203 5.73 -22.34 -25.67
N ALA B 204 5.47 -21.22 -26.35
CA ALA B 204 6.33 -20.06 -26.21
C ALA B 204 6.21 -19.46 -24.80
N ILE B 205 5.00 -19.42 -24.25
CA ILE B 205 4.85 -18.84 -22.92
C ILE B 205 5.44 -19.77 -21.87
N MET B 206 5.38 -21.09 -22.11
CA MET B 206 5.97 -22.05 -21.17
C MET B 206 7.49 -22.01 -21.21
N GLU B 207 8.07 -21.57 -22.33
CA GLU B 207 9.51 -21.38 -22.39
C GLU B 207 9.96 -20.03 -21.87
N LEU B 208 9.05 -19.09 -21.62
CA LEU B 208 9.44 -17.75 -21.17
C LEU B 208 9.61 -17.72 -19.65
N ASN B 209 10.77 -17.26 -19.20
CA ASN B 209 11.08 -17.13 -17.77
C ASN B 209 11.45 -15.67 -17.52
N LEU B 210 10.53 -14.92 -16.95
CA LEU B 210 10.80 -13.51 -16.69
C LEU B 210 11.86 -13.38 -15.62
N PRO B 211 12.86 -12.53 -15.80
CA PRO B 211 13.83 -12.28 -14.73
C PRO B 211 13.17 -11.60 -13.54
N THR B 212 13.79 -11.79 -12.37
CA THR B 212 13.23 -11.32 -11.11
C THR B 212 13.85 -9.98 -10.72
N GLY B 213 13.03 -9.15 -10.06
CA GLY B 213 13.49 -7.89 -9.53
C GLY B 213 13.94 -6.91 -10.57
N ILE B 214 13.49 -7.08 -11.80
CA ILE B 214 13.96 -6.30 -12.94
C ILE B 214 12.76 -5.62 -13.57
N PRO B 215 12.73 -4.30 -13.68
CA PRO B 215 11.61 -3.65 -14.36
C PRO B 215 11.55 -4.08 -15.82
N ILE B 216 10.36 -4.49 -16.23
CA ILE B 216 10.11 -4.90 -17.60
C ILE B 216 9.21 -3.84 -18.20
N VAL B 217 9.67 -3.21 -19.28
CA VAL B 217 8.99 -2.06 -19.90
C VAL B 217 8.35 -2.49 -21.21
N TYR B 218 7.06 -2.19 -21.37
CA TYR B 218 6.34 -2.33 -22.62
C TYR B 218 5.95 -0.95 -23.14
N GLU B 219 6.25 -0.68 -24.42
CA GLU B 219 5.68 0.46 -25.11
C GLU B 219 4.51 -0.03 -25.96
N LEU B 220 3.35 0.59 -25.78
CA LEU B 220 2.10 0.09 -26.31
C LEU B 220 1.39 1.15 -27.14
N ASP B 221 0.85 0.74 -28.29
CA ASP B 221 -0.01 1.62 -29.06
C ASP B 221 -1.39 1.67 -28.39
N LYS B 222 -2.30 2.45 -28.99
CA LYS B 222 -3.57 2.75 -28.33
C LYS B 222 -4.47 1.53 -28.19
N ASN B 223 -4.22 0.47 -28.95
CA ASN B 223 -4.92 -0.79 -28.77
C ASN B 223 -4.14 -1.75 -27.88
N LEU B 224 -3.05 -1.30 -27.25
CA LEU B 224 -2.27 -2.07 -26.28
C LEU B 224 -1.51 -3.21 -26.96
N LYS B 225 -1.12 -2.99 -28.19
CA LYS B 225 -0.21 -3.89 -28.87
C LYS B 225 1.21 -3.38 -28.68
N PRO B 226 2.15 -4.23 -28.24
CA PRO B 226 3.53 -3.77 -28.12
C PRO B 226 4.05 -3.31 -29.47
N ILE B 227 4.84 -2.25 -29.44
CA ILE B 227 5.45 -1.71 -30.65
C ILE B 227 6.89 -2.16 -30.80
N LYS B 228 7.42 -2.86 -29.81
CA LYS B 228 8.80 -3.35 -29.83
C LYS B 228 8.93 -4.38 -28.72
N PRO B 229 9.99 -5.20 -28.74
CA PRO B 229 10.13 -6.22 -27.70
C PRO B 229 10.20 -5.59 -26.32
N MET B 230 9.82 -6.39 -25.31
CA MET B 230 9.98 -5.96 -23.92
C MET B 230 11.43 -5.56 -23.64
N GLN B 231 11.59 -4.55 -22.80
CA GLN B 231 12.92 -4.03 -22.43
C GLN B 231 13.12 -4.14 -20.93
N PHE B 232 14.31 -4.57 -20.55
CA PHE B 232 14.69 -4.69 -19.15
C PHE B 232 15.43 -3.45 -18.74
N LEU B 233 15.15 -2.94 -17.54
CA LEU B 233 15.81 -1.75 -17.02
C LEU B 233 16.84 -2.14 -15.98
N GLY B 234 17.96 -1.43 -15.97
CA GLY B 234 19.01 -1.68 -15.00
C GLY B 234 20.36 -1.36 -15.58
N ASP B 235 21.40 -1.61 -14.77
CA ASP B 235 22.76 -1.45 -15.26
C ASP B 235 23.04 -2.48 -16.36
N GLU B 236 24.13 -2.23 -17.09
CA GLU B 236 24.42 -3.00 -18.30
C GLU B 236 24.53 -4.50 -18.02
N GLU B 237 25.19 -4.86 -16.92
CA GLU B 237 25.29 -6.26 -16.52
C GLU B 237 23.93 -6.93 -16.50
N THR B 238 23.03 -6.40 -15.70
CA THR B 238 21.72 -7.01 -15.49
C THR B 238 20.85 -6.81 -16.73
#